data_5WNO
#
_entry.id   5WNO
#
_cell.length_a   48.097
_cell.length_b   77.978
_cell.length_c   106.207
_cell.angle_alpha   90.00
_cell.angle_beta   90.00
_cell.angle_gamma   90.00
#
_symmetry.space_group_name_H-M   'P 21 21 21'
#
loop_
_entity.id
_entity.type
_entity.pdbx_description
1 polymer 'Receptor tyrosine-protein kinase let-23'
2 non-polymer 'PHOSPHOAMINOPHOSPHONIC ACID-ADENYLATE ESTER'
3 non-polymer 'MAGNESIUM ION'
4 water water
#
_entity_poly.entity_id   1
_entity_poly.type   'polypeptide(L)'
_entity_poly.pdbx_seq_one_letter_code
;GAMGASVRPNMSRICLIPSSELQTKLDKKLGAGAFGTVFAGIYYPKRAKNVKIPVAIKVFQTDQSQTDEMLEEATNMFRL
RHDNLLKIIGFCMHDDGLKIVTIYRPLGNLQNFLKLHKENLGAREQVLYCYQIASGMQYLEKQRVVHRDLATRNVLVKKF
NHVEITDFGLSKILKHDADSITIKSGKVAIKWLAIEIFSKHCYTHASDVWAFGVTCWEIITFGQSPYQGMSTDSIHNFLK
DGNRLSQPPNCSQDLYQELLRCWMADPKSRPGFEILYERFKEFCKVPQLFLENSNKISESDLSAEERFQTERIREMFDGN
IDPQMYFDQG
;
_entity_poly.pdbx_strand_id   A
#
# COMPACT_ATOMS: atom_id res chain seq x y z
N CYS A 15 19.72 -6.20 -8.75
CA CYS A 15 19.21 -7.50 -9.16
C CYS A 15 19.05 -8.44 -7.97
N LEU A 16 20.03 -9.31 -7.77
CA LEU A 16 20.02 -10.29 -6.69
C LEU A 16 21.04 -9.88 -5.64
N ILE A 17 20.57 -9.69 -4.41
CA ILE A 17 21.41 -9.23 -3.30
C ILE A 17 22.01 -10.46 -2.60
N PRO A 18 23.31 -10.49 -2.37
CA PRO A 18 23.90 -11.57 -1.56
C PRO A 18 23.89 -11.23 -0.08
N SER A 19 24.26 -12.22 0.72
CA SER A 19 24.30 -12.03 2.18
C SER A 19 25.36 -11.04 2.58
N SER A 20 26.43 -10.92 1.80
CA SER A 20 27.53 -10.01 2.11
C SER A 20 27.12 -8.54 2.05
N GLU A 21 25.96 -8.23 1.48
CA GLU A 21 25.51 -6.85 1.30
C GLU A 21 24.29 -6.51 2.11
N LEU A 22 23.70 -7.46 2.83
CA LEU A 22 22.46 -7.25 3.56
C LEU A 22 22.67 -7.58 5.04
N GLN A 23 21.96 -6.83 5.89
CA GLN A 23 21.94 -7.06 7.32
C GLN A 23 20.49 -7.05 7.79
N THR A 24 20.03 -8.18 8.32
CA THR A 24 18.64 -8.32 8.77
C THR A 24 18.60 -8.15 10.28
N LYS A 25 18.00 -7.05 10.74
CA LYS A 25 17.83 -6.80 12.18
C LYS A 25 16.64 -7.62 12.66
N LEU A 26 16.92 -8.80 13.18
CA LEU A 26 15.87 -9.68 13.69
C LEU A 26 15.23 -9.16 14.97
N ASP A 27 15.82 -8.15 15.61
CA ASP A 27 15.23 -7.55 16.81
C ASP A 27 14.36 -6.34 16.49
N LYS A 28 14.32 -5.90 15.23
CA LYS A 28 13.50 -4.76 14.82
C LYS A 28 12.37 -5.26 13.93
N LYS A 29 11.45 -6.01 14.53
CA LYS A 29 10.29 -6.50 13.82
C LYS A 29 9.32 -5.35 13.56
N LEU A 30 9.02 -5.10 12.28
CA LEU A 30 8.15 -3.98 11.94
C LEU A 30 6.68 -4.33 12.11
N GLY A 31 6.28 -5.53 11.72
CA GLY A 31 4.89 -5.91 11.85
C GLY A 31 4.74 -7.42 11.74
N ALA A 32 3.48 -7.86 11.79
CA ALA A 32 3.17 -9.29 11.71
C ALA A 32 3.12 -9.76 10.26
N GLY A 33 2.03 -9.51 9.55
CA GLY A 33 1.88 -9.84 8.14
C GLY A 33 0.90 -10.99 7.92
N ALA A 34 0.15 -10.95 6.80
CA ALA A 34 -0.71 -12.10 6.51
C ALA A 34 0.13 -13.35 6.31
N PHE A 35 1.23 -13.23 5.58
CA PHE A 35 2.01 -14.38 5.17
C PHE A 35 3.50 -14.02 5.08
N GLY A 36 4.10 -13.67 6.21
CA GLY A 36 5.50 -13.31 6.24
C GLY A 36 5.77 -12.09 7.10
N THR A 37 6.84 -12.12 7.88
CA THR A 37 7.21 -11.04 8.77
C THR A 37 8.20 -10.10 8.09
N VAL A 38 8.24 -8.86 8.58
CA VAL A 38 9.07 -7.80 8.03
C VAL A 38 9.99 -7.29 9.13
N PHE A 39 11.27 -7.16 8.80
CA PHE A 39 12.27 -6.67 9.73
C PHE A 39 13.00 -5.49 9.12
N ALA A 40 13.44 -4.57 9.98
CA ALA A 40 14.29 -3.49 9.54
C ALA A 40 15.66 -4.02 9.15
N GLY A 41 16.31 -3.33 8.22
CA GLY A 41 17.60 -3.80 7.75
C GLY A 41 18.40 -2.68 7.12
N ILE A 42 19.67 -3.00 6.84
CA ILE A 42 20.60 -2.06 6.22
C ILE A 42 21.17 -2.73 4.97
N TYR A 43 21.16 -2.00 3.86
CA TYR A 43 21.67 -2.50 2.58
C TYR A 43 23.02 -1.84 2.29
N TYR A 44 24.03 -2.67 2.04
CA TYR A 44 25.39 -2.21 1.74
C TYR A 44 25.71 -2.51 0.28
N PRO A 45 25.49 -1.58 -0.64
CA PRO A 45 25.93 -1.81 -2.03
C PRO A 45 27.45 -1.91 -2.10
N LYS A 46 27.92 -3.03 -2.66
CA LYS A 46 29.35 -3.33 -2.62
C LYS A 46 30.17 -2.37 -3.46
N ARG A 47 29.61 -1.87 -4.57
CA ARG A 47 30.38 -0.96 -5.42
C ARG A 47 30.61 0.39 -4.75
N ALA A 48 29.60 0.91 -4.06
CA ALA A 48 29.70 2.21 -3.42
C ALA A 48 30.53 2.12 -2.15
N ASN A 50 30.78 2.92 0.88
CA ASN A 50 30.60 2.96 2.33
C ASN A 50 29.28 3.65 2.68
N VAL A 51 28.27 3.48 1.83
CA VAL A 51 26.96 4.08 2.04
C VAL A 51 26.02 3.02 2.62
N LYS A 52 25.21 3.44 3.58
CA LYS A 52 24.25 2.57 4.24
C LYS A 52 22.84 2.97 3.81
N ILE A 53 22.03 1.98 3.45
CA ILE A 53 20.67 2.23 2.98
C ILE A 53 19.68 1.56 3.93
N PRO A 54 18.88 2.32 4.65
CA PRO A 54 17.85 1.71 5.53
C PRO A 54 16.76 1.06 4.69
N VAL A 55 16.54 -0.23 4.92
CA VAL A 55 15.63 -1.03 4.11
C VAL A 55 14.69 -1.81 5.03
N ALA A 56 13.64 -2.36 4.41
CA ALA A 56 12.71 -3.26 5.07
C ALA A 56 12.80 -4.61 4.39
N ILE A 57 12.98 -5.67 5.18
CA ILE A 57 13.24 -7.01 4.68
C ILE A 57 12.02 -7.86 5.00
N LYS A 58 11.28 -8.27 3.96
CA LYS A 58 10.14 -9.15 4.12
C LYS A 58 10.60 -10.59 3.90
N VAL A 59 10.30 -11.46 4.86
CA VAL A 59 10.78 -12.83 4.87
C VAL A 59 9.62 -13.76 4.53
N PHE A 60 9.74 -14.48 3.42
CA PHE A 60 8.79 -15.51 3.04
C PHE A 60 9.50 -16.86 3.10
N GLN A 61 9.01 -17.75 3.96
CA GLN A 61 9.54 -19.10 4.09
C GLN A 61 8.49 -20.06 3.55
N THR A 62 8.63 -20.44 2.27
CA THR A 62 7.61 -21.19 1.54
C THR A 62 8.21 -22.46 0.95
N ASP A 63 8.32 -23.50 1.79
CA ASP A 63 8.53 -24.88 1.34
C ASP A 63 9.75 -25.04 0.44
N GLN A 64 10.77 -24.20 0.66
CA GLN A 64 12.00 -24.24 -0.15
C GLN A 64 11.69 -24.15 -1.64
N SER A 65 10.64 -23.40 -2.01
CA SER A 65 10.22 -23.34 -3.40
C SER A 65 11.18 -22.53 -4.26
N GLN A 66 12.48 -22.79 -4.12
CA GLN A 66 13.51 -22.11 -4.89
C GLN A 66 13.58 -22.74 -6.28
N THR A 67 12.57 -22.44 -7.07
CA THR A 67 12.42 -22.97 -8.42
C THR A 67 12.63 -21.86 -9.45
N ASP A 68 12.67 -22.27 -10.72
CA ASP A 68 12.75 -21.29 -11.80
C ASP A 68 11.51 -20.41 -11.87
N GLU A 69 10.38 -20.88 -11.35
CA GLU A 69 9.17 -20.07 -11.34
C GLU A 69 9.28 -18.92 -10.35
N MET A 70 9.94 -19.15 -9.21
CA MET A 70 10.11 -18.09 -8.22
C MET A 70 11.10 -17.04 -8.70
N LEU A 71 12.18 -17.47 -9.37
CA LEU A 71 13.10 -16.52 -9.94
C LEU A 71 12.46 -15.71 -11.07
N GLU A 72 11.59 -16.35 -11.85
CA GLU A 72 10.91 -15.65 -12.93
C GLU A 72 10.00 -14.55 -12.41
N GLU A 73 9.23 -14.84 -11.36
CA GLU A 73 8.35 -13.83 -10.78
C GLU A 73 9.07 -12.85 -9.87
N ALA A 74 10.30 -13.16 -9.46
CA ALA A 74 11.07 -12.19 -8.68
C ALA A 74 11.65 -11.10 -9.57
N THR A 75 12.16 -11.46 -10.75
CA THR A 75 12.67 -10.47 -11.68
C THR A 75 11.56 -9.70 -12.38
N ASN A 76 10.42 -10.35 -12.64
CA ASN A 76 9.27 -9.64 -13.19
C ASN A 76 8.78 -8.57 -12.22
N MET A 77 8.68 -8.92 -10.94
CA MET A 77 8.29 -7.94 -9.92
C MET A 77 9.36 -6.88 -9.73
N PHE A 78 10.63 -7.23 -9.98
CA PHE A 78 11.73 -6.28 -9.81
C PHE A 78 11.69 -5.18 -10.86
N ARG A 79 11.17 -5.48 -12.06
CA ARG A 79 11.14 -4.52 -13.15
C ARG A 79 9.96 -3.55 -13.06
N LEU A 80 9.08 -3.71 -12.08
CA LEU A 80 7.94 -2.82 -11.92
C LEU A 80 8.41 -1.52 -11.29
N ARG A 81 8.35 -0.42 -12.05
CA ARG A 81 8.85 0.86 -11.61
C ARG A 81 7.76 1.91 -11.77
N HIS A 82 7.45 2.61 -10.67
CA HIS A 82 6.48 3.68 -10.68
C HIS A 82 6.67 4.50 -9.41
N ASP A 83 6.41 5.80 -9.52
CA ASP A 83 6.65 6.70 -8.38
C ASP A 83 5.73 6.37 -7.21
N ASN A 84 4.56 5.77 -7.48
CA ASN A 84 3.62 5.39 -6.44
C ASN A 84 3.64 3.90 -6.14
N LEU A 85 4.67 3.19 -6.59
CA LEU A 85 4.94 1.82 -6.17
C LEU A 85 6.20 1.83 -5.30
N LEU A 86 6.15 1.08 -4.20
CA LEU A 86 7.32 0.97 -3.33
C LEU A 86 8.44 0.26 -4.08
N LYS A 87 9.58 0.93 -4.18
CA LYS A 87 10.69 0.40 -4.97
C LYS A 87 11.29 -0.83 -4.30
N ILE A 88 11.41 -1.90 -5.07
CA ILE A 88 12.06 -3.13 -4.61
C ILE A 88 13.55 -2.99 -4.89
N ILE A 89 14.34 -2.85 -3.82
CA ILE A 89 15.78 -2.66 -4.00
C ILE A 89 16.43 -3.94 -4.52
N GLY A 90 15.95 -5.09 -4.07
CA GLY A 90 16.51 -6.34 -4.54
C GLY A 90 15.79 -7.52 -3.94
N PHE A 91 16.32 -8.71 -4.23
CA PHE A 91 15.75 -9.95 -3.75
C PHE A 91 16.87 -10.97 -3.56
N CYS A 92 16.61 -11.94 -2.69
CA CYS A 92 17.55 -13.04 -2.47
C CYS A 92 16.78 -14.28 -2.06
N MET A 93 17.05 -15.39 -2.72
CA MET A 93 16.36 -16.65 -2.47
C MET A 93 17.28 -17.56 -1.66
N HIS A 94 16.80 -17.98 -0.50
CA HIS A 94 17.55 -18.87 0.40
C HIS A 94 16.82 -20.20 0.54
N ASP A 95 17.50 -21.15 1.18
CA ASP A 95 16.86 -22.42 1.49
C ASP A 95 15.73 -22.23 2.50
N ASP A 96 15.91 -21.31 3.45
CA ASP A 96 14.83 -21.00 4.40
C ASP A 96 13.63 -20.41 3.67
N GLY A 97 13.86 -19.63 2.61
CA GLY A 97 12.78 -19.06 1.84
C GLY A 97 13.20 -17.90 0.97
N LEU A 98 12.36 -16.88 0.87
CA LEU A 98 12.59 -15.73 0.02
C LEU A 98 12.57 -14.45 0.85
N LYS A 99 13.52 -13.57 0.59
CA LYS A 99 13.58 -12.25 1.23
C LYS A 99 13.41 -11.18 0.17
N ILE A 100 12.45 -10.29 0.38
CA ILE A 100 12.20 -9.16 -0.50
C ILE A 100 12.63 -7.89 0.23
N VAL A 101 13.56 -7.15 -0.36
CA VAL A 101 14.13 -5.96 0.25
C VAL A 101 13.53 -4.73 -0.43
N THR A 102 12.96 -3.83 0.38
CA THR A 102 12.42 -2.57 -0.10
C THR A 102 12.96 -1.44 0.76
N ILE A 103 12.90 -0.22 0.21
CA ILE A 103 13.38 0.95 0.93
C ILE A 103 12.50 1.18 2.15
N TYR A 104 13.14 1.40 3.31
CA TYR A 104 12.41 1.62 4.55
C TYR A 104 11.76 2.99 4.56
N ARG A 105 10.53 3.04 5.04
CA ARG A 105 9.77 4.30 5.15
C ARG A 105 9.45 4.56 6.61
N PRO A 106 10.10 5.55 7.24
CA PRO A 106 9.88 5.77 8.68
C PRO A 106 8.46 6.15 9.04
N LEU A 107 7.68 6.69 8.10
CA LEU A 107 6.33 7.15 8.41
C LEU A 107 5.33 6.02 8.58
N GLY A 108 5.66 4.80 8.15
CA GLY A 108 4.76 3.68 8.30
C GLY A 108 3.72 3.62 7.20
N ASN A 109 2.77 2.70 7.39
CA ASN A 109 1.72 2.49 6.40
C ASN A 109 0.67 3.60 6.49
N LEU A 110 -0.18 3.66 5.46
CA LEU A 110 -1.18 4.73 5.38
C LEU A 110 -2.27 4.54 6.44
N GLN A 111 -2.54 3.30 6.84
CA GLN A 111 -3.61 3.06 7.81
C GLN A 111 -3.30 3.71 9.16
N ASN A 112 -2.11 3.43 9.70
CA ASN A 112 -1.71 4.10 10.94
C ASN A 112 -1.47 5.58 10.72
N PHE A 113 -1.13 5.98 9.50
CA PHE A 113 -0.87 7.39 9.22
C PHE A 113 -2.15 8.21 9.21
N LEU A 114 -3.24 7.63 8.70
CA LEU A 114 -4.51 8.36 8.68
C LEU A 114 -5.07 8.54 10.08
N LYS A 115 -4.95 7.52 10.93
CA LYS A 115 -5.43 7.63 12.31
C LYS A 115 -4.61 8.66 13.09
N LEU A 116 -3.29 8.68 12.88
CA LEU A 116 -2.44 9.58 13.65
C LEU A 116 -2.66 11.03 13.26
N HIS A 117 -2.88 11.29 11.96
CA HIS A 117 -3.05 12.64 11.44
C HIS A 117 -4.49 12.91 11.00
N LYS A 118 -5.46 12.34 11.72
CA LYS A 118 -6.86 12.53 11.38
C LYS A 118 -7.28 13.99 11.53
N GLU A 119 -6.74 14.68 12.53
CA GLU A 119 -7.18 16.03 12.85
C GLU A 119 -6.45 17.10 12.05
N ASN A 120 -5.36 16.77 11.37
CA ASN A 120 -4.57 17.77 10.66
C ASN A 120 -4.37 17.48 9.18
N LEU A 121 -4.87 16.37 8.66
CA LEU A 121 -4.80 16.12 7.23
C LEU A 121 -5.97 16.78 6.52
N GLY A 122 -5.67 17.42 5.37
CA GLY A 122 -6.68 18.16 4.65
C GLY A 122 -7.36 17.34 3.57
N ALA A 123 -8.39 17.96 2.96
CA ALA A 123 -9.11 17.30 1.87
C ALA A 123 -8.22 17.10 0.65
N ARG A 124 -7.24 17.99 0.45
CA ARG A 124 -6.31 17.82 -0.67
C ARG A 124 -5.46 16.58 -0.51
N GLU A 125 -5.07 16.25 0.73
CA GLU A 125 -4.24 15.08 0.96
C GLU A 125 -5.04 13.80 0.75
N GLN A 126 -6.32 13.80 1.14
CA GLN A 126 -7.13 12.60 1.00
C GLN A 126 -7.36 12.25 -0.46
N VAL A 127 -7.74 13.24 -1.27
CA VAL A 127 -7.96 12.99 -2.70
C VAL A 127 -6.64 12.65 -3.39
N LEU A 128 -5.52 13.22 -2.91
CA LEU A 128 -4.23 12.93 -3.51
C LEU A 128 -3.82 11.48 -3.27
N TYR A 129 -4.10 10.95 -2.07
CA TYR A 129 -3.81 9.56 -1.78
C TYR A 129 -4.59 8.64 -2.70
N CYS A 130 -5.89 8.88 -2.85
CA CYS A 130 -6.71 8.09 -3.76
C CYS A 130 -6.20 8.21 -5.18
N TYR A 131 -5.71 9.39 -5.56
CA TYR A 131 -5.22 9.60 -6.92
C TYR A 131 -3.90 8.86 -7.15
N GLN A 132 -2.97 8.98 -6.20
CA GLN A 132 -1.67 8.32 -6.35
C GLN A 132 -1.82 6.81 -6.30
N ILE A 133 -2.71 6.30 -5.44
CA ILE A 133 -2.97 4.87 -5.41
C ILE A 133 -3.59 4.41 -6.72
N ALA A 134 -4.55 5.19 -7.24
CA ALA A 134 -5.11 4.88 -8.56
C ALA A 134 -4.06 5.02 -9.66
N SER A 135 -3.08 5.91 -9.46
CA SER A 135 -2.02 6.05 -10.45
C SER A 135 -1.13 4.82 -10.49
N GLY A 136 -0.75 4.30 -9.32
CA GLY A 136 0.08 3.11 -9.27
C GLY A 136 -0.66 1.87 -9.75
N MET A 137 -1.95 1.76 -9.43
CA MET A 137 -2.73 0.60 -9.88
C MET A 137 -2.91 0.62 -11.39
N GLN A 138 -2.96 1.80 -12.01
CA GLN A 138 -3.05 1.87 -13.47
C GLN A 138 -1.80 1.29 -14.11
N TYR A 139 -0.63 1.57 -13.52
CA TYR A 139 0.61 0.99 -14.03
C TYR A 139 0.61 -0.52 -13.86
N LEU A 140 0.14 -1.01 -12.71
CA LEU A 140 0.07 -2.44 -12.48
C LEU A 140 -0.91 -3.11 -13.44
N GLU A 141 -2.03 -2.45 -13.73
CA GLU A 141 -3.02 -3.02 -14.65
C GLU A 141 -2.47 -3.10 -16.07
N LYS A 142 -1.77 -2.05 -16.51
CA LYS A 142 -1.15 -2.08 -17.83
C LYS A 142 -0.09 -3.17 -17.92
N GLN A 143 0.56 -3.50 -16.81
CA GLN A 143 1.53 -4.58 -16.77
C GLN A 143 0.88 -5.95 -16.58
N ARG A 144 -0.45 -6.02 -16.60
CA ARG A 144 -1.20 -7.26 -16.42
C ARG A 144 -0.84 -7.94 -15.09
N VAL A 145 -0.80 -7.13 -14.03
CA VAL A 145 -0.44 -7.59 -12.70
C VAL A 145 -1.61 -7.33 -11.76
N VAL A 146 -2.07 -8.39 -11.07
CA VAL A 146 -3.14 -8.29 -10.10
C VAL A 146 -2.52 -8.19 -8.72
N HIS A 147 -2.93 -7.17 -7.96
CA HIS A 147 -2.35 -6.94 -6.63
C HIS A 147 -2.84 -7.95 -5.61
N ARG A 148 -4.14 -8.31 -5.67
CA ARG A 148 -4.75 -9.32 -4.83
C ARG A 148 -4.91 -8.90 -3.37
N ASP A 149 -4.31 -7.80 -2.96
CA ASP A 149 -4.33 -7.40 -1.56
C ASP A 149 -4.19 -5.89 -1.42
N LEU A 150 -4.99 -5.14 -2.18
CA LEU A 150 -4.94 -3.68 -2.12
C LEU A 150 -5.67 -3.18 -0.88
N ALA A 151 -4.98 -2.39 -0.07
CA ALA A 151 -5.53 -1.80 1.15
C ALA A 151 -4.57 -0.73 1.63
N THR A 152 -5.07 0.13 2.54
CA THR A 152 -4.24 1.21 3.06
C THR A 152 -3.08 0.68 3.90
N ARG A 153 -3.24 -0.51 4.50
CA ARG A 153 -2.13 -1.10 5.26
C ARG A 153 -0.97 -1.48 4.35
N ASN A 154 -1.25 -1.76 3.07
CA ASN A 154 -0.22 -2.08 2.09
C ASN A 154 0.11 -0.87 1.21
N VAL A 155 -0.16 0.34 1.70
CA VAL A 155 0.27 1.57 1.05
C VAL A 155 1.17 2.30 2.04
N LEU A 156 2.36 2.70 1.58
CA LEU A 156 3.33 3.36 2.43
C LEU A 156 3.37 4.85 2.13
N VAL A 157 3.79 5.63 3.13
CA VAL A 157 3.80 7.08 3.05
C VAL A 157 5.25 7.53 2.99
N LYS A 158 5.65 8.07 1.83
CA LYS A 158 6.98 8.66 1.71
C LYS A 158 7.03 10.03 2.36
N LYS A 159 6.03 10.87 2.07
CA LYS A 159 5.84 12.14 2.76
C LYS A 159 4.37 12.51 2.68
N PHE A 160 4.04 13.71 3.17
CA PHE A 160 2.64 14.12 3.26
C PHE A 160 1.93 14.05 1.91
N ASN A 161 2.65 14.31 0.81
CA ASN A 161 2.04 14.36 -0.51
C ASN A 161 2.58 13.28 -1.44
N HIS A 162 2.90 12.11 -0.89
CA HIS A 162 3.46 11.03 -1.71
C HIS A 162 3.28 9.71 -0.98
N VAL A 163 2.50 8.80 -1.57
CA VAL A 163 2.29 7.46 -1.03
C VAL A 163 2.69 6.44 -2.08
N GLU A 164 3.04 5.24 -1.60
CA GLU A 164 3.54 4.17 -2.45
C GLU A 164 2.89 2.85 -2.07
N ILE A 165 2.50 2.09 -3.09
CA ILE A 165 1.87 0.78 -2.92
C ILE A 165 2.94 -0.27 -2.76
N THR A 166 2.73 -1.22 -1.87
CA THR A 166 3.66 -2.31 -1.62
C THR A 166 2.92 -3.63 -1.66
N ASP A 167 3.70 -4.72 -1.50
CA ASP A 167 3.16 -6.08 -1.45
C ASP A 167 2.34 -6.41 -2.70
N PHE A 168 2.86 -6.02 -3.85
CA PHE A 168 2.23 -6.33 -5.14
C PHE A 168 2.99 -7.47 -5.82
N GLY A 169 2.31 -8.12 -6.76
CA GLY A 169 2.94 -9.17 -7.54
C GLY A 169 3.30 -10.42 -6.76
N LEU A 170 2.55 -10.72 -5.70
CA LEU A 170 2.76 -11.93 -4.92
C LEU A 170 1.76 -13.03 -5.27
N SER A 171 1.37 -13.10 -6.53
CA SER A 171 0.37 -14.07 -6.97
C SER A 171 0.94 -15.47 -6.94
N LYS A 172 1.81 -15.79 -7.90
CA LYS A 172 2.41 -17.12 -7.97
C LYS A 172 3.44 -17.34 -6.87
N ILE A 173 3.98 -16.28 -6.28
CA ILE A 173 4.92 -16.43 -5.17
C ILE A 173 4.20 -16.92 -3.92
N LEU A 174 2.99 -16.40 -3.68
CA LEU A 174 2.21 -16.73 -2.49
C LEU A 174 2.99 -16.50 -1.20
N LYS A 187 -7.88 -13.93 4.66
CA LYS A 187 -7.82 -13.58 6.08
C LYS A 187 -8.75 -12.43 6.43
N VAL A 188 -8.27 -11.53 7.29
CA VAL A 188 -9.03 -10.34 7.67
C VAL A 188 -9.30 -9.43 6.48
N ALA A 189 -8.61 -9.65 5.35
CA ALA A 189 -8.81 -8.91 4.11
C ALA A 189 -10.15 -9.20 3.44
N ILE A 190 -11.08 -9.87 4.12
CA ILE A 190 -12.41 -10.07 3.55
C ILE A 190 -13.13 -8.75 3.36
N LYS A 191 -12.82 -7.75 4.19
CA LYS A 191 -13.44 -6.44 4.06
C LYS A 191 -13.11 -5.77 2.73
N TRP A 192 -12.01 -6.17 2.09
CA TRP A 192 -11.63 -5.66 0.77
C TRP A 192 -11.94 -6.64 -0.34
N LEU A 193 -12.69 -7.70 -0.06
CA LEU A 193 -12.92 -8.77 -1.02
C LEU A 193 -14.21 -8.52 -1.79
N ALA A 194 -14.14 -8.61 -3.11
CA ALA A 194 -15.32 -8.46 -3.94
C ALA A 194 -16.28 -9.62 -3.73
N ILE A 195 -17.50 -9.46 -4.24
CA ILE A 195 -18.54 -10.46 -4.01
C ILE A 195 -18.20 -11.77 -4.71
N GLU A 196 -17.70 -11.70 -5.95
CA GLU A 196 -17.48 -12.90 -6.74
C GLU A 196 -16.36 -13.77 -6.19
N ILE A 197 -15.47 -13.22 -5.36
CA ILE A 197 -14.38 -14.02 -4.82
C ILE A 197 -14.90 -15.00 -3.77
N PHE A 198 -16.02 -14.68 -3.11
CA PHE A 198 -16.57 -15.56 -2.11
C PHE A 198 -17.00 -16.90 -2.71
N SER A 199 -17.51 -16.88 -3.95
CA SER A 199 -17.99 -18.11 -4.57
C SER A 199 -16.84 -18.88 -5.22
N LYS A 200 -16.06 -18.23 -6.07
CA LYS A 200 -14.96 -18.87 -6.77
C LYS A 200 -13.73 -17.95 -6.74
N HIS A 201 -12.55 -18.56 -6.62
CA HIS A 201 -11.30 -17.82 -6.54
C HIS A 201 -10.85 -17.44 -7.95
N CYS A 202 -11.06 -16.17 -8.31
CA CYS A 202 -10.62 -15.63 -9.60
C CYS A 202 -10.22 -14.17 -9.38
N TYR A 203 -9.03 -13.97 -8.82
CA TYR A 203 -8.50 -12.64 -8.59
C TYR A 203 -8.21 -11.98 -9.93
N THR A 204 -9.00 -10.97 -10.28
CA THR A 204 -8.84 -10.24 -11.53
C THR A 204 -8.56 -8.77 -11.22
N HIS A 205 -8.39 -7.98 -12.29
CA HIS A 205 -8.23 -6.54 -12.11
C HIS A 205 -9.50 -5.90 -11.60
N ALA A 206 -10.67 -6.46 -11.95
CA ALA A 206 -11.92 -5.92 -11.43
C ALA A 206 -12.03 -6.12 -9.93
N SER A 207 -11.49 -7.21 -9.40
CA SER A 207 -11.48 -7.40 -7.94
C SER A 207 -10.56 -6.40 -7.27
N ASP A 208 -9.51 -5.94 -7.97
CA ASP A 208 -8.69 -4.87 -7.44
C ASP A 208 -9.42 -3.54 -7.42
N VAL A 209 -10.28 -3.30 -8.41
CA VAL A 209 -11.09 -2.09 -8.42
C VAL A 209 -12.01 -2.06 -7.20
N TRP A 210 -12.56 -3.21 -6.82
CA TRP A 210 -13.36 -3.29 -5.61
C TRP A 210 -12.53 -2.90 -4.38
N ALA A 211 -11.36 -3.51 -4.23
CA ALA A 211 -10.50 -3.20 -3.09
C ALA A 211 -10.03 -1.75 -3.12
N PHE A 212 -9.92 -1.16 -4.31
CA PHE A 212 -9.58 0.25 -4.40
C PHE A 212 -10.71 1.13 -3.87
N GLY A 213 -11.96 0.74 -4.15
CA GLY A 213 -13.09 1.47 -3.59
C GLY A 213 -13.11 1.44 -2.08
N VAL A 214 -12.82 0.28 -1.50
CA VAL A 214 -12.72 0.19 -0.04
C VAL A 214 -11.52 0.97 0.47
N THR A 215 -10.42 0.93 -0.28
CA THR A 215 -9.23 1.68 0.11
C THR A 215 -9.51 3.18 0.14
N CYS A 216 -10.24 3.69 -0.86
CA CYS A 216 -10.64 5.08 -0.83
C CYS A 216 -11.56 5.36 0.36
N TRP A 217 -12.44 4.42 0.67
CA TRP A 217 -13.33 4.59 1.82
C TRP A 217 -12.55 4.71 3.12
N GLU A 218 -11.44 3.96 3.23
CA GLU A 218 -10.58 4.10 4.40
C GLU A 218 -9.98 5.50 4.46
N ILE A 219 -9.54 6.03 3.32
CA ILE A 219 -8.93 7.36 3.30
C ILE A 219 -9.97 8.43 3.64
N ILE A 220 -11.19 8.28 3.12
CA ILE A 220 -12.25 9.23 3.41
C ILE A 220 -12.60 9.21 4.89
N THR A 221 -12.73 8.02 5.46
CA THR A 221 -13.08 7.87 6.88
C THR A 221 -11.88 7.98 7.80
N PHE A 222 -10.73 8.43 7.29
CA PHE A 222 -9.51 8.57 8.08
C PHE A 222 -9.06 7.26 8.72
N GLY A 223 -9.32 6.14 8.05
CA GLY A 223 -8.76 4.87 8.44
C GLY A 223 -9.55 4.04 9.41
N GLN A 224 -10.87 4.22 9.49
CA GLN A 224 -11.65 3.35 10.35
C GLN A 224 -11.95 2.04 9.63
N SER A 225 -12.32 1.02 10.42
CA SER A 225 -12.45 -0.32 9.88
C SER A 225 -13.72 -0.45 9.05
N PRO A 226 -13.66 -1.04 7.86
CA PRO A 226 -14.87 -1.25 7.07
C PRO A 226 -15.77 -2.31 7.70
N TYR A 227 -17.08 -2.10 7.56
CA TYR A 227 -18.09 -2.98 8.14
C TYR A 227 -17.85 -3.18 9.63
N GLN A 228 -17.76 -2.06 10.36
CA GLN A 228 -17.38 -2.10 11.76
C GLN A 228 -18.40 -2.86 12.60
N GLY A 229 -19.67 -2.52 12.47
CA GLY A 229 -20.71 -3.17 13.23
C GLY A 229 -21.13 -4.52 12.66
N MET A 230 -20.23 -5.16 11.93
CA MET A 230 -20.53 -6.41 11.27
C MET A 230 -19.41 -7.43 11.50
N SER A 231 -19.46 -8.56 10.80
CA SER A 231 -18.43 -9.58 10.92
C SER A 231 -18.61 -10.56 9.76
N THR A 232 -17.64 -11.47 9.64
CA THR A 232 -17.69 -12.55 8.65
C THR A 232 -18.45 -13.74 9.23
N ASP A 233 -19.18 -14.45 8.37
CA ASP A 233 -19.25 -14.16 6.94
C ASP A 233 -20.52 -13.40 6.58
N SER A 234 -21.09 -12.68 7.56
CA SER A 234 -22.28 -11.89 7.30
C SER A 234 -22.03 -10.80 6.26
N ILE A 235 -20.77 -10.45 6.02
CA ILE A 235 -20.44 -9.48 4.97
C ILE A 235 -20.83 -10.03 3.60
N HIS A 236 -20.66 -11.34 3.39
CA HIS A 236 -21.01 -11.93 2.11
C HIS A 236 -22.48 -11.72 1.77
N ASN A 237 -23.37 -12.11 2.68
CA ASN A 237 -24.80 -11.89 2.44
C ASN A 237 -25.16 -10.42 2.52
N PHE A 238 -24.42 -9.64 3.32
CA PHE A 238 -24.64 -8.19 3.33
C PHE A 238 -24.35 -7.60 1.96
N LEU A 239 -23.25 -8.01 1.32
CA LEU A 239 -22.98 -7.59 -0.04
C LEU A 239 -23.88 -8.28 -1.04
N LYS A 240 -24.30 -9.52 -0.74
CA LYS A 240 -25.18 -10.25 -1.65
C LYS A 240 -26.58 -9.65 -1.68
N ASP A 241 -27.03 -9.07 -0.57
CA ASP A 241 -28.33 -8.41 -0.52
C ASP A 241 -28.33 -7.03 -1.16
N GLY A 242 -27.24 -6.66 -1.83
CA GLY A 242 -27.16 -5.39 -2.52
C GLY A 242 -26.62 -4.24 -1.70
N ASN A 243 -26.33 -4.46 -0.41
CA ASN A 243 -25.88 -3.39 0.45
C ASN A 243 -24.38 -3.14 0.27
N ARG A 244 -23.98 -1.90 0.49
CA ARG A 244 -22.58 -1.49 0.43
C ARG A 244 -22.27 -0.65 1.67
N LEU A 245 -21.03 -0.16 1.73
CA LEU A 245 -20.64 0.68 2.85
C LEU A 245 -21.33 2.04 2.75
N SER A 246 -21.82 2.53 3.89
CA SER A 246 -22.58 3.77 3.91
C SER A 246 -21.67 4.97 3.62
N GLN A 247 -22.27 6.00 3.02
CA GLN A 247 -21.52 7.21 2.69
C GLN A 247 -21.06 7.91 3.96
N PRO A 248 -19.76 8.21 4.10
CA PRO A 248 -19.30 8.90 5.31
C PRO A 248 -19.89 10.30 5.39
N PRO A 249 -20.04 10.85 6.59
CA PRO A 249 -20.66 12.18 6.72
C PRO A 249 -19.88 13.30 6.05
N ASN A 250 -18.61 13.08 5.72
CA ASN A 250 -17.79 14.09 5.09
C ASN A 250 -17.59 13.86 3.59
N CYS A 251 -18.22 12.84 3.03
CA CYS A 251 -18.03 12.47 1.64
C CYS A 251 -19.17 13.05 0.79
N SER A 252 -18.82 13.63 -0.35
CA SER A 252 -19.82 14.20 -1.25
C SER A 252 -20.52 13.09 -2.02
N GLN A 253 -21.58 13.48 -2.74
CA GLN A 253 -22.35 12.51 -3.51
C GLN A 253 -21.63 12.12 -4.79
N ASP A 254 -20.94 13.07 -5.43
CA ASP A 254 -20.20 12.75 -6.64
C ASP A 254 -19.05 11.78 -6.37
N LEU A 255 -18.42 11.89 -5.21
CA LEU A 255 -17.34 10.97 -4.85
C LEU A 255 -17.88 9.61 -4.41
N TYR A 256 -19.03 9.60 -3.73
CA TYR A 256 -19.60 8.34 -3.29
C TYR A 256 -20.07 7.48 -4.46
N GLN A 257 -20.55 8.11 -5.54
CA GLN A 257 -20.90 7.35 -6.74
C GLN A 257 -19.70 6.67 -7.35
N GLU A 258 -18.49 7.21 -7.14
CA GLU A 258 -17.30 6.55 -7.65
C GLU A 258 -17.00 5.28 -6.87
N LEU A 259 -17.16 5.32 -5.54
CA LEU A 259 -17.01 4.11 -4.74
C LEU A 259 -18.11 3.11 -5.06
N LEU A 260 -19.33 3.60 -5.32
CA LEU A 260 -20.43 2.71 -5.63
C LEU A 260 -20.21 1.98 -6.94
N ARG A 261 -19.69 2.67 -7.95
CA ARG A 261 -19.39 1.99 -9.21
C ARG A 261 -18.12 1.14 -9.14
N CYS A 262 -17.31 1.32 -8.10
CA CYS A 262 -16.25 0.38 -7.80
C CYS A 262 -16.77 -0.88 -7.13
N TRP A 263 -18.06 -0.91 -6.76
CA TRP A 263 -18.66 -2.02 -6.05
C TRP A 263 -19.85 -2.61 -6.81
N MET A 264 -19.78 -2.57 -8.14
CA MET A 264 -20.84 -3.15 -8.95
C MET A 264 -20.92 -4.66 -8.73
N ALA A 265 -22.11 -5.21 -8.94
CA ALA A 265 -22.27 -6.66 -8.84
C ALA A 265 -21.57 -7.36 -9.99
N ASP A 266 -21.81 -6.92 -11.22
CA ASP A 266 -21.15 -7.51 -12.38
C ASP A 266 -19.72 -6.98 -12.47
N PRO A 267 -18.74 -7.90 -12.55
CA PRO A 267 -17.33 -7.55 -12.64
C PRO A 267 -16.99 -6.76 -13.90
N LYS A 268 -17.81 -6.88 -14.92
CA LYS A 268 -17.53 -6.20 -16.15
C LYS A 268 -18.05 -4.80 -16.15
N SER A 269 -19.05 -4.56 -15.36
CA SER A 269 -19.63 -3.23 -15.24
C SER A 269 -18.74 -2.27 -14.45
N ARG A 270 -17.76 -2.80 -13.72
CA ARG A 270 -16.86 -1.94 -12.96
C ARG A 270 -15.85 -1.27 -13.87
N PRO A 271 -15.49 -0.02 -13.60
CA PRO A 271 -14.53 0.68 -14.47
C PRO A 271 -13.11 0.18 -14.22
N GLY A 272 -12.26 0.41 -15.21
CA GLY A 272 -10.84 0.12 -15.05
C GLY A 272 -10.10 1.27 -14.40
N PHE A 273 -8.85 1.00 -14.02
CA PHE A 273 -8.03 2.03 -13.42
C PHE A 273 -7.66 3.12 -14.41
N GLU A 274 -7.78 2.85 -15.71
CA GLU A 274 -7.65 3.90 -16.71
C GLU A 274 -8.71 4.97 -16.51
N ILE A 275 -9.96 4.55 -16.25
CA ILE A 275 -11.02 5.50 -16.01
C ILE A 275 -10.86 6.15 -14.63
N LEU A 276 -10.56 5.34 -13.61
CA LEU A 276 -10.47 5.87 -12.25
C LEU A 276 -9.32 6.85 -12.11
N TYR A 277 -8.23 6.66 -12.85
CA TYR A 277 -7.12 7.60 -12.79
C TYR A 277 -7.53 8.98 -13.30
N GLU A 278 -8.28 9.03 -14.41
CA GLU A 278 -8.69 10.31 -14.95
C GLU A 278 -9.76 10.98 -14.08
N ARG A 279 -10.52 10.19 -13.34
CA ARG A 279 -11.56 10.76 -12.48
C ARG A 279 -10.95 11.50 -11.29
N PHE A 280 -10.09 10.81 -10.53
CA PHE A 280 -9.51 11.40 -9.33
C PHE A 280 -8.53 12.53 -9.65
N LYS A 281 -7.94 12.53 -10.85
CA LYS A 281 -7.10 13.66 -11.24
C LYS A 281 -7.93 14.92 -11.39
N GLU A 282 -9.12 14.81 -11.96
CA GLU A 282 -10.04 15.95 -12.00
C GLU A 282 -10.54 16.30 -10.61
N PHE A 283 -10.66 15.31 -9.72
CA PHE A 283 -11.07 15.60 -8.35
C PHE A 283 -10.00 16.38 -7.60
N CYS A 284 -8.73 16.20 -7.96
CA CYS A 284 -7.65 16.90 -7.28
C CYS A 284 -7.60 18.38 -7.63
N LYS A 285 -8.25 18.80 -8.72
CA LYS A 285 -8.25 20.22 -9.08
C LYS A 285 -8.87 21.07 -7.98
N VAL A 286 -10.07 20.71 -7.55
CA VAL A 286 -10.69 21.35 -6.39
C VAL A 286 -11.08 20.25 -5.41
N PRO A 287 -10.19 19.89 -4.47
CA PRO A 287 -10.47 18.74 -3.61
C PRO A 287 -11.55 19.01 -2.57
N GLN A 288 -11.67 20.24 -2.07
CA GLN A 288 -12.68 20.55 -1.07
C GLN A 288 -14.09 20.58 -1.65
N LEU A 289 -14.25 20.34 -2.95
CA LEU A 289 -15.56 20.21 -3.57
C LEU A 289 -16.12 18.80 -3.44
N PHE A 290 -15.29 17.82 -3.05
CA PHE A 290 -15.73 16.45 -2.90
C PHE A 290 -15.57 15.90 -1.48
N LEU A 291 -14.88 16.62 -0.61
CA LEU A 291 -14.74 16.22 0.78
C LEU A 291 -14.77 17.47 1.66
N GLU A 292 -15.50 17.37 2.78
CA GLU A 292 -15.56 18.45 3.76
C GLU A 292 -14.45 18.24 4.78
N ASN A 293 -13.42 19.06 4.70
CA ASN A 293 -12.29 18.99 5.63
C ASN A 293 -11.83 20.42 5.91
N SER A 294 -12.10 20.90 7.12
CA SER A 294 -11.73 22.27 7.48
C SER A 294 -10.23 22.45 7.66
N ASN A 295 -9.49 21.36 7.81
CA ASN A 295 -8.06 21.43 8.09
C ASN A 295 -7.25 21.45 6.80
N LYS A 296 -6.09 22.09 6.88
CA LYS A 296 -5.12 22.08 5.80
C LYS A 296 -3.73 21.94 6.41
N ILE A 297 -2.81 21.35 5.64
CA ILE A 297 -1.47 21.07 6.16
C ILE A 297 -0.75 22.39 6.42
N SER A 298 -0.04 22.44 7.54
CA SER A 298 0.73 23.62 7.91
C SER A 298 2.21 23.38 7.63
N GLU A 299 2.91 24.45 7.24
CA GLU A 299 4.33 24.35 6.97
C GLU A 299 5.12 23.99 8.22
N SER A 300 4.57 24.27 9.41
CA SER A 300 5.18 23.79 10.64
C SER A 300 5.07 22.28 10.76
N ASP A 301 4.00 21.69 10.22
CA ASP A 301 3.88 20.24 10.21
C ASP A 301 4.82 19.61 9.19
N LEU A 302 5.15 20.34 8.12
CA LEU A 302 6.13 19.84 7.16
C LEU A 302 7.52 19.76 7.78
N SER A 303 7.88 20.77 8.59
CA SER A 303 9.16 20.73 9.28
C SER A 303 9.14 19.74 10.44
N ALA A 304 7.98 19.59 11.10
CA ALA A 304 7.87 18.60 12.17
C ALA A 304 7.86 17.18 11.62
N GLU A 305 7.38 17.00 10.39
CA GLU A 305 7.45 15.68 9.76
C GLU A 305 8.89 15.30 9.43
N GLU A 306 9.69 16.28 9.01
CA GLU A 306 11.09 16.00 8.73
C GLU A 306 11.84 15.63 10.00
N ARG A 307 11.49 16.27 11.13
CA ARG A 307 12.12 15.93 12.39
C ARG A 307 11.70 14.56 12.90
N PHE A 308 10.47 14.14 12.59
CA PHE A 308 10.01 12.82 13.01
C PHE A 308 10.62 11.70 12.18
N GLN A 309 11.01 11.97 10.94
CA GLN A 309 11.64 10.94 10.12
C GLN A 309 13.07 10.70 10.56
N THR A 310 13.82 11.77 10.85
CA THR A 310 15.17 11.60 11.37
C THR A 310 15.17 10.91 12.73
N GLU A 311 14.13 11.15 13.54
CA GLU A 311 14.02 10.50 14.83
C GLU A 311 13.78 9.00 14.68
N ARG A 312 12.85 8.63 13.79
CA ARG A 312 12.58 7.21 13.56
C ARG A 312 13.79 6.51 12.96
N ILE A 313 14.55 7.20 12.11
CA ILE A 313 15.76 6.60 11.55
C ILE A 313 16.83 6.43 12.62
N ARG A 314 16.96 7.43 13.51
CA ARG A 314 17.96 7.34 14.57
C ARG A 314 17.64 6.22 15.56
N GLU A 315 16.36 5.97 15.82
CA GLU A 315 15.99 4.98 16.82
C GLU A 315 15.98 3.57 16.24
N MET A 316 15.54 3.42 14.99
CA MET A 316 15.40 2.09 14.41
C MET A 316 16.76 1.42 14.22
N PHE A 317 17.79 2.18 13.87
CA PHE A 317 19.10 1.64 13.58
C PHE A 317 20.16 2.06 14.60
N ASP A 318 19.75 2.72 15.69
CA ASP A 318 20.65 3.11 16.78
C ASP A 318 21.77 4.02 16.27
N GLY A 319 21.38 5.08 15.56
CA GLY A 319 22.31 6.04 15.02
C GLY A 319 23.24 5.52 13.95
N ASN A 320 23.07 4.28 13.49
CA ASN A 320 23.94 3.75 12.45
C ASN A 320 23.66 4.38 11.10
N ILE A 321 22.42 4.81 10.86
CA ILE A 321 22.02 5.40 9.60
C ILE A 321 21.97 6.91 9.77
N ASP A 322 22.78 7.62 8.98
CA ASP A 322 22.67 9.07 8.93
C ASP A 322 21.36 9.44 8.24
N PRO A 323 20.57 10.34 8.82
CA PRO A 323 19.24 10.62 8.25
C PRO A 323 19.27 11.17 6.84
N GLN A 324 20.31 11.93 6.47
CA GLN A 324 20.37 12.47 5.11
C GLN A 324 20.58 11.37 4.09
N MET A 325 21.28 10.29 4.46
CA MET A 325 21.50 9.19 3.54
C MET A 325 20.18 8.63 3.02
N TYR A 326 19.16 8.58 3.88
CA TYR A 326 17.82 8.22 3.42
C TYR A 326 17.20 9.35 2.61
N PHE A 327 17.39 10.59 3.05
CA PHE A 327 16.86 11.74 2.31
C PHE A 327 17.55 11.90 0.96
N ASP A 328 18.86 11.68 0.91
CA ASP A 328 19.61 11.81 -0.33
C ASP A 328 19.20 10.75 -1.35
N GLN A 329 18.63 9.65 -0.89
CA GLN A 329 18.19 8.59 -1.78
C GLN A 329 17.04 9.05 -2.69
#